data_3KQC
#
_entry.id   3KQC
#
_cell.length_a   56.500
_cell.length_b   72.100
_cell.length_c   77.500
_cell.angle_alpha   90.00
_cell.angle_beta   90.00
_cell.angle_gamma   90.00
#
_symmetry.space_group_name_H-M   'P 21 21 21'
#
loop_
_entity.id
_entity.type
_entity.pdbx_description
1 polymer 'factor Xa heavy chain'
2 polymer 'factor Xa light chain'
3 non-polymer "6-(2'-(METHYLSULFONYL)BIPHENYL-4-YL)-1-(3-(5-OXO-4,5-DIHYDRO-1H-1,2,4-TRIAZOL-3-YL)PHENYL)-3-(TRIFLUOROMETHYL)-5,6-DIHYDRO-1H-PYRAZOLO[3,4-C]PYRIDIN-7(4H)-ONE"
4 non-polymer 'SODIUM ION'
5 water water
#
loop_
_entity_poly.entity_id
_entity_poly.type
_entity_poly.pdbx_seq_one_letter_code
_entity_poly.pdbx_strand_id
1 'polypeptide(L)'
;IVGGQECKDGECPWQALLINEENEGFCGGTILSEFYILTAAHCLYQAKRFKVRVGDRNTEQEEGGEAVHEVEVVIKHNRF
TKETYDFDIAVLRLKTPITFRMNVAPACLPERDWAESTLMTQKTGIVSGFGRTHEKGRQSTRLKMLEVPYVDRNSCKLSS
SFIITQNMFCAGYDTKQEDACQGDSGGPHVTRFKDTYFVTGIVSWGEGCARKGKYGIYTKVTAFLKWIDRSMKT
;
A
2 'polypeptide(L)' KLCSLDNGDCDQFCHEEQNSVVCSCARGYTLADNGKACIPTGPYPCGKQTLE L
#
loop_
_chem_comp.id
_chem_comp.type
_chem_comp.name
_chem_comp.formula
LGK non-polymer 6-(2'-(METHYLSULFONYL)BIPHENYL-4-YL)-1-(3-(5-OXO-4,5-DIHYDRO-1H-1,2,4-TRIAZOL-3-YL)PHENYL)-3-(TRIFLUOROMETHYL)-5,6-DIHYDRO-1H-PYRAZOLO[3,4-C]PYRIDIN-7(4H)-ONE 'C28 H21 F3 N6 O4 S'
NA non-polymer 'SODIUM ION' 'Na 1'
#
# COMPACT_ATOMS: atom_id res chain seq x y z
N ILE A 1 1.39 0.02 14.03
CA ILE A 1 1.24 1.50 13.94
C ILE A 1 1.31 2.09 15.34
N VAL A 2 2.17 3.11 15.51
CA VAL A 2 2.29 3.84 16.76
C VAL A 2 1.47 5.11 16.56
N GLY A 3 0.50 5.33 17.44
CA GLY A 3 -0.42 6.46 17.31
C GLY A 3 -1.46 6.13 16.26
N GLY A 4 -1.96 7.15 15.58
CA GLY A 4 -2.95 6.97 14.54
C GLY A 4 -4.30 6.57 15.07
N GLN A 5 -5.10 5.92 14.20
CA GLN A 5 -6.46 5.55 14.55
C GLN A 5 -6.77 4.18 14.03
N GLU A 6 -7.72 3.53 14.68
CA GLU A 6 -8.23 2.26 14.26
C GLU A 6 -8.90 2.44 12.89
N CYS A 7 -8.77 1.42 12.00
CA CYS A 7 -9.49 1.36 10.75
C CYS A 7 -10.88 0.97 11.11
N LYS A 8 -11.86 1.84 10.83
CA LYS A 8 -13.27 1.57 11.10
C LYS A 8 -13.79 0.74 9.95
N ASP A 9 -15.02 0.25 10.07
CA ASP A 9 -15.66 -0.61 9.09
C ASP A 9 -15.59 -0.03 7.67
N GLY A 10 -14.97 -0.79 6.78
CA GLY A 10 -14.84 -0.46 5.38
C GLY A 10 -13.79 0.56 5.02
N GLU A 11 -13.04 1.05 6.00
CA GLU A 11 -12.03 2.09 5.80
C GLU A 11 -10.73 1.66 5.17
N CYS A 12 -10.27 0.42 5.45
CA CYS A 12 -8.96 -0.05 4.96
C CYS A 12 -9.16 -1.41 4.27
N PRO A 13 -10.05 -1.51 3.24
CA PRO A 13 -10.41 -2.83 2.69
C PRO A 13 -9.33 -3.59 1.90
N TRP A 14 -8.25 -2.88 1.53
CA TRP A 14 -7.12 -3.42 0.77
C TRP A 14 -6.06 -4.05 1.65
N GLN A 15 -6.26 -3.97 2.96
CA GLN A 15 -5.31 -4.53 3.89
C GLN A 15 -5.35 -6.06 3.91
N ALA A 16 -4.15 -6.67 3.81
CA ALA A 16 -4.00 -8.13 3.92
C ALA A 16 -3.03 -8.36 5.07
N LEU A 17 -3.15 -9.51 5.72
CA LEU A 17 -2.29 -9.89 6.84
C LEU A 17 -1.62 -11.22 6.54
N LEU A 18 -0.27 -11.25 6.62
CA LEU A 18 0.50 -12.48 6.39
C LEU A 18 0.50 -13.21 7.73
N ILE A 19 0.09 -14.48 7.74
CA ILE A 19 0.01 -15.27 8.98
C ILE A 19 0.87 -16.52 8.93
N ASN A 20 1.64 -16.78 10.00
CA ASN A 20 2.49 -17.98 10.06
C ASN A 20 1.65 -19.25 10.40
N GLU A 21 2.33 -20.39 10.59
CA GLU A 21 1.73 -21.69 10.96
C GLU A 21 0.90 -21.59 12.24
N GLU A 22 1.35 -20.75 13.21
CA GLU A 22 0.71 -20.48 14.50
C GLU A 22 -0.50 -19.52 14.39
N ASN A 23 -0.90 -19.15 13.16
CA ASN A 23 -1.99 -18.20 12.87
C ASN A 23 -1.76 -16.77 13.46
N GLU A 24 -0.48 -16.36 13.63
CA GLU A 24 -0.15 -15.01 14.11
C GLU A 24 0.35 -14.14 12.95
N GLY A 25 -0.20 -12.93 12.86
CA GLY A 25 0.17 -11.94 11.86
C GLY A 25 1.59 -11.47 12.10
N PHE A 26 2.40 -11.42 11.03
CA PHE A 26 3.80 -11.00 11.15
C PHE A 26 4.15 -9.87 10.18
N CYS A 27 3.41 -9.74 9.09
CA CYS A 27 3.60 -8.71 8.07
C CYS A 27 2.26 -8.34 7.45
N GLY A 28 2.24 -7.20 6.77
CA GLY A 28 1.05 -6.79 6.05
C GLY A 28 1.20 -7.07 4.55
N GLY A 29 0.15 -6.70 3.83
CA GLY A 29 0.13 -6.82 2.40
C GLY A 29 -0.95 -5.92 1.86
N THR A 30 -0.95 -5.70 0.54
CA THR A 30 -1.98 -4.91 -0.11
C THR A 30 -2.68 -5.77 -1.16
N ILE A 31 -4.00 -5.78 -1.14
CA ILE A 31 -4.79 -6.49 -2.15
C ILE A 31 -4.73 -5.67 -3.43
N LEU A 32 -4.19 -6.25 -4.50
CA LEU A 32 -4.13 -5.58 -5.82
C LEU A 32 -5.26 -6.05 -6.74
N SER A 33 -5.69 -7.31 -6.57
CA SER A 33 -6.76 -7.90 -7.38
C SER A 33 -7.23 -9.17 -6.65
N GLU A 34 -8.17 -9.91 -7.23
CA GLU A 34 -8.67 -11.10 -6.56
C GLU A 34 -7.64 -12.21 -6.33
N PHE A 35 -6.62 -12.30 -7.18
CA PHE A 35 -5.55 -13.30 -7.06
C PHE A 35 -4.19 -12.79 -6.57
N TYR A 36 -3.97 -11.47 -6.43
CA TYR A 36 -2.67 -10.92 -6.08
C TYR A 36 -2.58 -10.01 -4.86
N ILE A 37 -1.53 -10.23 -4.06
CA ILE A 37 -1.18 -9.47 -2.89
C ILE A 37 0.19 -8.88 -3.12
N LEU A 38 0.36 -7.59 -2.78
CA LEU A 38 1.65 -6.91 -2.83
C LEU A 38 2.19 -6.92 -1.40
N THR A 39 3.47 -7.29 -1.20
CA THR A 39 4.11 -7.27 0.12
C THR A 39 5.62 -6.90 0.04
N ALA A 40 6.34 -6.99 1.16
CA ALA A 40 7.77 -6.71 1.17
C ALA A 40 8.52 -8.03 1.01
N ALA A 41 9.60 -8.04 0.21
CA ALA A 41 10.44 -9.23 0.02
C ALA A 41 11.01 -9.75 1.35
N HIS A 42 11.42 -8.84 2.23
CA HIS A 42 11.99 -9.18 3.53
C HIS A 42 11.02 -9.92 4.45
N CYS A 43 9.69 -9.76 4.22
CA CYS A 43 8.66 -10.46 4.97
C CYS A 43 8.73 -11.97 4.75
N LEU A 44 9.13 -12.39 3.56
CA LEU A 44 9.24 -13.80 3.17
C LEU A 44 10.29 -14.61 3.97
N TYR A 45 11.17 -13.91 4.73
CA TYR A 45 12.16 -14.57 5.61
C TYR A 45 11.63 -14.71 7.04
N GLN A 46 10.47 -14.09 7.34
CA GLN A 46 9.88 -14.11 8.67
C GLN A 46 9.00 -15.33 9.03
N ALA A 47 8.85 -16.28 8.08
CA ALA A 47 8.05 -17.50 8.22
C ALA A 47 8.33 -18.49 7.10
N LYS A 48 8.46 -19.78 7.47
CA LYS A 48 8.72 -20.88 6.53
C LYS A 48 7.52 -21.08 5.58
N ARG A 49 6.31 -21.21 6.14
CA ARG A 49 5.07 -21.35 5.40
C ARG A 49 4.08 -20.34 5.98
N PHE A 50 3.44 -19.57 5.11
CA PHE A 50 2.49 -18.57 5.56
C PHE A 50 1.29 -18.53 4.65
N LYS A 51 0.16 -18.05 5.20
CA LYS A 51 -1.09 -17.81 4.50
C LYS A 51 -1.45 -16.31 4.52
N VAL A 52 -2.53 -15.92 3.82
CA VAL A 52 -2.96 -14.55 3.74
C VAL A 52 -4.35 -14.38 4.33
N ARG A 53 -4.48 -13.49 5.30
CA ARG A 53 -5.79 -13.21 5.88
C ARG A 53 -6.30 -11.85 5.31
N VAL A 54 -7.55 -11.82 4.77
CA VAL A 54 -8.20 -10.62 4.22
C VAL A 54 -9.50 -10.35 5.02
N GLY A 55 -10.00 -9.11 4.99
CA GLY A 55 -11.22 -8.71 5.67
C GLY A 55 -11.15 -8.75 7.19
N ASP A 56 -9.95 -8.94 7.72
CA ASP A 56 -9.70 -9.02 9.15
C ASP A 56 -9.38 -7.59 9.67
N ARG A 57 -10.01 -7.20 10.78
CA ARG A 57 -9.77 -5.89 11.39
C ARG A 57 -9.40 -6.07 12.85
N ASN A 58 -9.85 -7.19 13.44
CA ASN A 58 -9.63 -7.59 14.82
C ASN A 58 -9.24 -9.07 14.81
N THR A 59 -7.99 -9.39 15.16
CA THR A 59 -7.48 -10.77 15.20
C THR A 59 -8.02 -11.66 16.34
N GLU A 60 -8.85 -11.10 17.25
CA GLU A 60 -9.42 -11.88 18.36
C GLU A 60 -10.80 -12.43 17.99
N GLN A 61 -11.50 -11.75 17.08
CA GLN A 61 -12.84 -12.09 16.63
C GLN A 61 -12.90 -12.51 15.18
N GLU A 62 -13.62 -13.61 14.89
CA GLU A 62 -13.86 -14.09 13.52
C GLU A 62 -14.88 -13.12 12.90
N GLU A 63 -14.55 -12.53 11.74
CA GLU A 63 -15.37 -11.49 11.11
C GLU A 63 -16.39 -11.85 10.03
N GLY A 64 -16.58 -13.15 9.76
CA GLY A 64 -17.53 -13.63 8.76
C GLY A 64 -17.06 -13.34 7.34
N GLY A 65 -16.91 -12.04 7.04
CA GLY A 65 -16.39 -11.52 5.77
C GLY A 65 -14.89 -11.75 5.65
N GLU A 66 -14.29 -12.27 6.73
CA GLU A 66 -12.88 -12.61 6.88
C GLU A 66 -12.57 -13.96 6.18
N ALA A 67 -11.43 -14.03 5.48
CA ALA A 67 -11.05 -15.23 4.75
C ALA A 67 -9.54 -15.46 4.74
N VAL A 68 -9.15 -16.75 4.75
CA VAL A 68 -7.77 -17.20 4.71
C VAL A 68 -7.49 -17.73 3.31
N HIS A 69 -6.40 -17.27 2.73
CA HIS A 69 -5.99 -17.66 1.40
C HIS A 69 -4.62 -18.23 1.43
N GLU A 70 -4.44 -19.29 0.69
CA GLU A 70 -3.17 -19.95 0.57
C GLU A 70 -2.44 -19.33 -0.58
N VAL A 71 -1.13 -19.34 -0.47
CA VAL A 71 -0.27 -18.79 -1.51
C VAL A 71 0.08 -19.89 -2.51
N GLU A 72 -0.16 -19.62 -3.79
CA GLU A 72 0.23 -20.55 -4.84
C GLU A 72 1.65 -20.21 -5.27
N VAL A 73 1.88 -18.95 -5.69
CA VAL A 73 3.16 -18.49 -6.19
C VAL A 73 3.70 -17.32 -5.38
N VAL A 74 4.97 -17.41 -5.00
CA VAL A 74 5.69 -16.31 -4.38
C VAL A 74 6.59 -15.74 -5.51
N ILE A 75 6.44 -14.44 -5.81
CA ILE A 75 7.22 -13.76 -6.84
C ILE A 75 8.04 -12.72 -6.13
N LYS A 76 9.30 -13.05 -5.87
CA LYS A 76 10.25 -12.22 -5.11
C LYS A 76 11.26 -11.57 -6.05
N HIS A 77 11.56 -10.28 -5.81
CA HIS A 77 12.54 -9.52 -6.58
C HIS A 77 13.95 -10.03 -6.26
N ASN A 78 14.63 -10.64 -7.25
CA ASN A 78 15.98 -11.22 -7.15
C ASN A 78 17.06 -10.24 -6.67
N ARG A 79 16.80 -8.93 -6.81
CA ARG A 79 17.73 -7.89 -6.42
C ARG A 79 17.64 -7.54 -4.91
N PHE A 80 16.64 -8.08 -4.16
CA PHE A 80 16.55 -7.79 -2.72
C PHE A 80 17.71 -8.43 -1.94
N THR A 81 18.25 -7.68 -0.97
CA THR A 81 19.31 -8.14 -0.08
C THR A 81 19.18 -7.45 1.26
N LYS A 82 19.39 -8.20 2.34
CA LYS A 82 19.32 -7.71 3.71
C LYS A 82 20.36 -6.64 4.00
N GLU A 83 21.45 -6.57 3.20
CA GLU A 83 22.53 -5.61 3.40
C GLU A 83 22.10 -4.20 3.08
N THR A 84 21.22 -4.02 2.06
CA THR A 84 20.76 -2.69 1.63
C THR A 84 19.27 -2.43 1.85
N TYR A 85 18.45 -3.51 1.89
CA TYR A 85 16.98 -3.47 1.96
C TYR A 85 16.39 -2.86 0.69
N ASP A 86 17.23 -2.74 -0.37
CA ASP A 86 16.80 -2.25 -1.66
C ASP A 86 15.91 -3.31 -2.32
N PHE A 87 15.03 -2.88 -3.23
CA PHE A 87 14.10 -3.77 -3.96
C PHE A 87 13.25 -4.61 -2.98
N ASP A 88 12.76 -3.96 -1.89
CA ASP A 88 11.96 -4.64 -0.86
C ASP A 88 10.53 -4.76 -1.32
N ILE A 89 10.31 -5.71 -2.25
CA ILE A 89 9.03 -5.95 -2.91
C ILE A 89 8.86 -7.39 -3.29
N ALA A 90 7.64 -7.89 -3.11
CA ALA A 90 7.26 -9.22 -3.56
C ALA A 90 5.78 -9.21 -3.94
N VAL A 91 5.40 -10.07 -4.88
CA VAL A 91 4.01 -10.25 -5.29
C VAL A 91 3.60 -11.70 -4.94
N LEU A 92 2.41 -11.89 -4.36
CA LEU A 92 1.92 -13.21 -4.03
C LEU A 92 0.71 -13.49 -4.88
N ARG A 93 0.67 -14.66 -5.52
CA ARG A 93 -0.48 -15.13 -6.27
C ARG A 93 -1.16 -16.13 -5.35
N LEU A 94 -2.44 -15.95 -5.12
CA LEU A 94 -3.21 -16.83 -4.25
C LEU A 94 -3.74 -18.03 -5.00
N LYS A 95 -3.99 -19.12 -4.26
CA LYS A 95 -4.56 -20.36 -4.81
C LYS A 95 -6.02 -20.13 -5.22
N THR A 96 -6.79 -19.42 -4.37
CA THR A 96 -8.21 -19.14 -4.65
C THR A 96 -8.42 -17.62 -4.72
N PRO A 97 -9.39 -17.12 -5.52
CA PRO A 97 -9.56 -15.66 -5.60
C PRO A 97 -10.27 -15.11 -4.38
N ILE A 98 -9.93 -13.86 -4.00
CA ILE A 98 -10.57 -13.14 -2.90
C ILE A 98 -11.99 -12.75 -3.32
N THR A 99 -12.94 -12.83 -2.36
CA THR A 99 -14.31 -12.38 -2.54
C THR A 99 -14.30 -10.98 -2.01
N PHE A 100 -14.59 -10.03 -2.88
CA PHE A 100 -14.63 -8.64 -2.48
C PHE A 100 -15.97 -8.42 -1.79
N ARG A 101 -15.97 -7.65 -0.71
CA ARG A 101 -17.14 -7.40 0.15
C ARG A 101 -16.77 -6.24 1.05
N MET A 102 -17.63 -5.91 2.03
CA MET A 102 -17.34 -4.88 3.02
C MET A 102 -16.05 -5.32 3.72
N ASN A 103 -15.07 -4.45 3.74
CA ASN A 103 -13.72 -4.69 4.31
C ASN A 103 -12.79 -5.51 3.45
N VAL A 104 -13.20 -5.87 2.20
CA VAL A 104 -12.35 -6.59 1.25
C VAL A 104 -12.54 -5.98 -0.16
N ALA A 105 -11.53 -5.25 -0.64
CA ALA A 105 -11.54 -4.57 -1.94
C ALA A 105 -10.10 -4.25 -2.31
N PRO A 106 -9.73 -4.25 -3.60
CA PRO A 106 -8.33 -3.94 -3.94
C PRO A 106 -8.03 -2.43 -3.94
N ALA A 107 -6.74 -2.07 -3.76
CA ALA A 107 -6.30 -0.67 -3.90
C ALA A 107 -5.95 -0.50 -5.39
N CYS A 108 -6.05 0.74 -5.95
CA CYS A 108 -5.69 0.95 -7.35
C CYS A 108 -4.20 1.05 -7.56
N LEU A 109 -3.74 0.50 -8.68
CA LEU A 109 -2.36 0.65 -9.12
C LEU A 109 -2.38 1.85 -10.05
N PRO A 110 -1.60 2.89 -9.74
CA PRO A 110 -1.59 4.05 -10.62
C PRO A 110 -0.62 3.82 -11.80
N GLU A 111 -0.62 4.76 -12.74
CA GLU A 111 0.34 4.78 -13.84
C GLU A 111 1.50 5.55 -13.28
N ARG A 112 2.74 5.15 -13.66
CA ARG A 112 4.00 5.74 -13.18
C ARG A 112 4.13 7.26 -13.15
N ASP A 113 4.03 7.92 -14.32
CA ASP A 113 4.21 9.40 -14.38
C ASP A 113 3.20 10.15 -13.56
N TRP A 114 1.93 9.72 -13.67
CA TRP A 114 0.86 10.37 -12.92
C TRP A 114 1.06 10.16 -11.42
N ALA A 115 1.40 8.95 -10.97
CA ALA A 115 1.66 8.72 -9.54
C ALA A 115 2.75 9.65 -8.99
N GLU A 116 3.84 9.83 -9.76
CA GLU A 116 4.99 10.65 -9.42
C GLU A 116 4.65 12.14 -9.43
N SER A 117 3.99 12.62 -10.47
CA SER A 117 3.64 14.05 -10.51
C SER A 117 2.43 14.42 -9.66
N THR A 118 1.48 13.48 -9.50
CA THR A 118 0.21 13.79 -8.82
C THR A 118 0.03 13.16 -7.46
N LEU A 119 0.26 11.84 -7.32
CA LEU A 119 0.09 11.20 -6.02
C LEU A 119 1.20 11.54 -5.06
N MET A 120 2.46 11.37 -5.50
CA MET A 120 3.66 11.58 -4.67
C MET A 120 3.82 13.04 -4.25
N THR A 121 3.17 13.98 -4.96
CA THR A 121 3.23 15.40 -4.64
C THR A 121 2.12 15.85 -3.70
N GLN A 122 1.20 14.93 -3.29
CA GLN A 122 0.16 15.30 -2.31
C GLN A 122 0.87 15.49 -0.96
N LYS A 123 0.22 16.16 0.00
CA LYS A 123 0.82 16.40 1.31
C LYS A 123 1.08 15.10 2.06
N THR A 124 0.11 14.18 2.00
CA THR A 124 0.15 12.96 2.79
C THR A 124 -0.33 11.70 2.05
N GLY A 125 -0.06 10.57 2.70
CA GLY A 125 -0.53 9.24 2.36
C GLY A 125 -1.04 8.58 3.63
N ILE A 126 -1.52 7.36 3.52
CA ILE A 126 -2.05 6.63 4.67
C ILE A 126 -1.36 5.31 4.72
N VAL A 127 -0.78 5.00 5.88
CA VAL A 127 -0.14 3.72 6.13
C VAL A 127 -1.05 2.98 7.09
N SER A 128 -1.15 1.65 6.99
CA SER A 128 -2.00 0.89 7.89
C SER A 128 -1.35 -0.42 8.24
N GLY A 129 -1.76 -1.03 9.35
CA GLY A 129 -1.26 -2.34 9.74
C GLY A 129 -1.62 -2.81 11.14
N PHE A 130 -1.30 -4.08 11.41
CA PHE A 130 -1.48 -4.78 12.69
C PHE A 130 -0.15 -4.83 13.49
N GLY A 131 0.83 -4.01 13.11
CA GLY A 131 2.13 -3.95 13.76
C GLY A 131 2.10 -3.36 15.16
N ARG A 132 3.26 -3.36 15.81
CA ARG A 132 3.43 -2.85 17.17
C ARG A 132 2.92 -1.45 17.33
N THR A 133 2.27 -1.19 18.49
CA THR A 133 1.71 0.11 18.86
C THR A 133 2.71 0.99 19.60
N HIS A 134 3.84 0.41 20.00
CA HIS A 134 5.00 1.09 20.62
C HIS A 134 6.24 0.32 20.13
N GLU A 135 7.39 1.00 19.99
CA GLU A 135 8.64 0.39 19.50
C GLU A 135 8.92 -0.93 20.21
N LYS A 136 8.64 -0.97 21.53
CA LYS A 136 8.71 -2.18 22.33
C LYS A 136 7.27 -2.53 22.66
N GLY A 137 6.77 -3.57 21.99
CA GLY A 137 5.40 -4.04 22.16
C GLY A 137 5.09 -5.31 21.40
N ARG A 138 3.86 -5.78 21.57
CA ARG A 138 3.37 -6.97 20.88
C ARG A 138 2.62 -6.48 19.61
N GLN A 139 2.33 -7.40 18.67
CA GLN A 139 1.57 -7.11 17.46
C GLN A 139 0.16 -6.70 17.88
N SER A 140 -0.38 -5.62 17.28
CA SER A 140 -1.73 -5.12 17.57
C SER A 140 -2.76 -6.17 17.13
N THR A 141 -3.88 -6.25 17.88
CA THR A 141 -4.95 -7.17 17.50
C THR A 141 -5.95 -6.42 16.61
N ARG A 142 -5.79 -5.10 16.53
CA ARG A 142 -6.63 -4.19 15.76
C ARG A 142 -5.84 -3.57 14.61
N LEU A 143 -6.51 -3.47 13.46
CA LEU A 143 -5.97 -2.84 12.29
C LEU A 143 -6.02 -1.32 12.55
N LYS A 144 -4.86 -0.69 12.41
CA LYS A 144 -4.77 0.76 12.58
C LYS A 144 -4.32 1.42 11.28
N MET A 145 -4.51 2.72 11.21
CA MET A 145 -4.09 3.53 10.07
C MET A 145 -3.55 4.84 10.60
N LEU A 146 -2.71 5.48 9.80
CA LEU A 146 -2.11 6.74 10.15
C LEU A 146 -1.82 7.57 8.91
N GLU A 147 -2.23 8.83 8.94
CA GLU A 147 -1.96 9.77 7.87
C GLU A 147 -0.50 10.20 8.09
N VAL A 148 0.34 10.07 7.04
CA VAL A 148 1.78 10.37 7.10
C VAL A 148 2.19 11.35 6.03
N PRO A 149 2.77 12.52 6.43
CA PRO A 149 3.21 13.48 5.42
C PRO A 149 4.29 12.89 4.54
N TYR A 150 4.27 13.26 3.26
CA TYR A 150 5.36 12.89 2.36
C TYR A 150 6.58 13.67 2.81
N VAL A 151 7.71 13.01 2.89
CA VAL A 151 8.92 13.67 3.37
C VAL A 151 9.84 14.01 2.20
N ASP A 152 10.28 15.28 2.17
CA ASP A 152 11.25 15.81 1.21
C ASP A 152 12.43 14.82 1.12
N ARG A 153 12.76 14.41 -0.09
CA ARG A 153 13.81 13.46 -0.41
C ARG A 153 15.20 13.76 0.24
N ASN A 154 15.60 15.05 0.30
CA ASN A 154 16.88 15.48 0.91
C ASN A 154 16.83 15.28 2.43
N SER A 155 15.74 15.75 3.08
CA SER A 155 15.53 15.56 4.53
C SER A 155 15.54 14.07 4.86
N CYS A 156 14.94 13.24 3.98
CA CYS A 156 14.91 11.78 4.12
C CYS A 156 16.36 11.21 4.17
N LYS A 157 17.20 11.56 3.18
CA LYS A 157 18.58 11.06 3.13
C LYS A 157 19.40 11.51 4.36
N LEU A 158 19.25 12.78 4.77
CA LEU A 158 19.95 13.36 5.93
C LEU A 158 19.55 12.71 7.27
N SER A 159 18.28 12.34 7.42
CA SER A 159 17.71 11.73 8.63
C SER A 159 18.23 10.35 8.91
N SER A 160 18.75 9.66 7.87
CA SER A 160 19.11 8.26 7.88
C SER A 160 20.58 7.89 7.99
N SER A 161 20.83 6.82 8.77
CA SER A 161 22.12 6.18 8.96
C SER A 161 22.45 5.33 7.72
N PHE A 162 21.40 4.80 7.07
CA PHE A 162 21.48 3.91 5.91
C PHE A 162 21.23 4.63 4.59
N ILE A 163 21.66 4.01 3.46
CA ILE A 163 21.48 4.59 2.14
C ILE A 163 20.00 4.44 1.73
N ILE A 164 19.37 5.58 1.39
CA ILE A 164 18.01 5.67 0.90
C ILE A 164 18.15 5.63 -0.62
N THR A 165 17.82 4.48 -1.23
CA THR A 165 17.91 4.34 -2.69
C THR A 165 16.71 5.01 -3.37
N GLN A 166 16.74 5.03 -4.70
CA GLN A 166 15.68 5.58 -5.56
C GLN A 166 14.45 4.69 -5.55
N ASN A 167 14.54 3.44 -5.01
CA ASN A 167 13.41 2.53 -4.87
C ASN A 167 12.72 2.73 -3.50
N MET A 168 13.15 3.73 -2.75
CA MET A 168 12.63 4.01 -1.43
C MET A 168 12.15 5.46 -1.32
N PHE A 169 11.22 5.74 -0.40
CA PHE A 169 10.81 7.12 -0.05
C PHE A 169 10.51 7.19 1.46
N CYS A 170 10.56 8.41 2.06
CA CYS A 170 10.28 8.68 3.48
C CYS A 170 8.88 9.23 3.61
N ALA A 171 8.25 8.94 4.74
CA ALA A 171 6.98 9.53 5.12
C ALA A 171 6.92 9.47 6.63
N GLY A 172 6.33 10.49 7.21
CA GLY A 172 6.19 10.54 8.66
C GLY A 172 6.42 11.92 9.20
N TYR A 173 6.72 11.97 10.50
CA TYR A 173 6.88 13.22 11.23
C TYR A 173 8.27 13.30 11.84
N ASP A 174 8.79 14.53 11.99
CA ASP A 174 10.10 14.73 12.60
C ASP A 174 9.93 14.74 14.12
N THR A 175 8.91 15.49 14.63
CA THR A 175 8.65 15.65 16.06
C THR A 175 7.52 14.73 16.56
N LYS A 176 6.32 14.79 15.93
CA LYS A 176 5.15 13.98 16.26
C LYS A 176 5.53 12.49 16.32
N GLN A 177 5.26 11.87 17.46
CA GLN A 177 5.64 10.50 17.72
C GLN A 177 4.61 9.45 17.31
N GLU A 178 4.35 9.44 15.99
CA GLU A 178 3.40 8.52 15.34
C GLU A 178 4.05 8.05 14.06
N ASP A 179 4.08 6.72 13.84
CA ASP A 179 4.65 6.14 12.64
C ASP A 179 4.32 4.69 12.55
N ALA A 180 4.71 4.02 11.45
CA ALA A 180 4.53 2.59 11.26
C ALA A 180 5.61 1.92 12.13
N CYS A 181 5.50 0.63 12.37
CA CYS A 181 6.44 -0.07 13.24
C CYS A 181 6.56 -1.50 12.76
N GLN A 182 7.39 -2.31 13.44
CA GLN A 182 7.60 -3.73 13.15
C GLN A 182 6.27 -4.47 13.11
N GLY A 183 6.12 -5.29 12.08
CA GLY A 183 4.90 -6.03 11.81
C GLY A 183 4.02 -5.32 10.80
N ASP A 184 4.26 -4.01 10.55
CA ASP A 184 3.50 -3.26 9.54
C ASP A 184 4.10 -3.46 8.15
N SER A 185 5.34 -3.98 8.13
CA SER A 185 6.16 -4.29 6.96
C SER A 185 5.35 -5.05 5.93
N GLY A 186 5.44 -4.63 4.67
CA GLY A 186 4.71 -5.25 3.58
C GLY A 186 3.34 -4.65 3.36
N GLY A 187 2.85 -3.92 4.36
CA GLY A 187 1.52 -3.30 4.34
C GLY A 187 1.39 -2.12 3.40
N PRO A 188 0.15 -1.59 3.27
CA PRO A 188 -0.07 -0.49 2.32
C PRO A 188 0.32 0.88 2.79
N HIS A 189 0.79 1.68 1.85
CA HIS A 189 0.91 3.12 1.94
C HIS A 189 0.09 3.47 0.71
N VAL A 190 -1.05 4.08 0.91
CA VAL A 190 -1.97 4.48 -0.15
C VAL A 190 -2.09 6.01 -0.11
N THR A 191 -2.36 6.61 -1.26
CA THR A 191 -2.57 8.05 -1.42
C THR A 191 -3.96 8.23 -2.03
N ARG A 192 -4.76 9.08 -1.40
CA ARG A 192 -6.10 9.43 -1.85
C ARG A 192 -6.01 10.50 -2.90
N PHE A 193 -6.79 10.29 -3.98
CA PHE A 193 -6.97 11.28 -5.05
C PHE A 193 -8.43 11.20 -5.49
N LYS A 194 -9.19 12.30 -5.25
CA LYS A 194 -10.64 12.42 -5.53
C LYS A 194 -11.41 11.20 -5.04
N ASP A 195 -11.25 10.83 -3.76
CA ASP A 195 -11.94 9.68 -3.15
C ASP A 195 -11.55 8.29 -3.65
N THR A 196 -10.42 8.18 -4.35
CA THR A 196 -9.90 6.91 -4.86
C THR A 196 -8.52 6.72 -4.27
N TYR A 197 -8.29 5.54 -3.67
CA TYR A 197 -7.03 5.25 -3.00
C TYR A 197 -6.11 4.43 -3.91
N PHE A 198 -4.92 4.97 -4.17
CA PHE A 198 -3.93 4.30 -5.00
C PHE A 198 -2.78 3.84 -4.14
N VAL A 199 -2.31 2.59 -4.34
CA VAL A 199 -1.14 2.09 -3.63
C VAL A 199 0.16 2.75 -4.12
N THR A 200 0.83 3.48 -3.21
CA THR A 200 2.03 4.25 -3.48
C THR A 200 3.25 3.69 -2.81
N GLY A 201 3.05 2.90 -1.75
CA GLY A 201 4.19 2.32 -1.06
C GLY A 201 3.95 1.00 -0.37
N ILE A 202 5.05 0.38 0.01
CA ILE A 202 5.10 -0.87 0.77
C ILE A 202 5.92 -0.55 2.02
N VAL A 203 5.32 -0.70 3.23
CA VAL A 203 6.06 -0.50 4.49
C VAL A 203 7.36 -1.36 4.41
N SER A 204 8.49 -0.69 4.44
CA SER A 204 9.76 -1.42 4.32
C SER A 204 10.56 -1.45 5.63
N TRP A 205 10.99 -0.30 6.15
CA TRP A 205 11.82 -0.31 7.36
C TRP A 205 11.87 1.07 8.00
N GLY A 206 12.53 1.16 9.14
CA GLY A 206 12.72 2.41 9.86
C GLY A 206 13.70 2.17 10.98
N GLU A 207 14.35 3.22 11.47
CA GLU A 207 15.32 3.10 12.58
C GLU A 207 14.48 3.32 13.84
N GLY A 208 14.05 2.22 14.41
CA GLY A 208 13.11 2.24 15.50
C GLY A 208 11.72 2.51 14.96
N CYS A 209 10.83 3.04 15.83
CA CYS A 209 9.46 3.42 15.47
C CYS A 209 9.13 4.72 16.11
N ALA A 210 8.61 5.66 15.30
CA ALA A 210 8.15 6.98 15.73
C ALA A 210 9.23 7.83 16.41
N ARG A 211 10.53 7.49 16.18
CA ARG A 211 11.65 8.24 16.72
C ARG A 211 11.75 9.63 16.09
N LYS A 212 12.05 10.63 16.92
CA LYS A 212 12.21 12.04 16.54
C LYS A 212 13.35 12.19 15.49
N GLY A 213 13.10 12.97 14.44
CA GLY A 213 14.06 13.15 13.36
C GLY A 213 14.25 11.94 12.45
N LYS A 214 13.39 10.91 12.61
CA LYS A 214 13.43 9.70 11.79
C LYS A 214 12.09 9.49 11.08
N TYR A 215 12.06 8.69 10.02
CA TYR A 215 10.82 8.48 9.26
C TYR A 215 10.63 7.02 8.89
N GLY A 216 9.41 6.69 8.44
CA GLY A 216 9.11 5.38 7.90
C GLY A 216 9.66 5.33 6.49
N ILE A 217 10.32 4.21 6.12
CA ILE A 217 10.91 4.01 4.78
C ILE A 217 10.04 3.03 4.05
N TYR A 218 9.65 3.41 2.83
CA TYR A 218 8.71 2.66 2.01
C TYR A 218 9.34 2.28 0.67
N THR A 219 8.98 1.10 0.12
CA THR A 219 9.36 0.73 -1.22
C THR A 219 8.47 1.61 -2.12
N LYS A 220 9.08 2.30 -3.09
CA LYS A 220 8.33 3.17 -4.00
C LYS A 220 7.72 2.28 -5.07
N VAL A 221 6.39 2.06 -4.97
CA VAL A 221 5.60 1.23 -5.88
C VAL A 221 5.78 1.66 -7.37
N THR A 222 5.90 2.97 -7.65
CA THR A 222 6.08 3.47 -9.04
C THR A 222 7.30 2.89 -9.76
N ALA A 223 8.40 2.67 -9.04
CA ALA A 223 9.64 2.09 -9.54
C ALA A 223 9.46 0.62 -10.01
N PHE A 224 8.33 -0.02 -9.67
CA PHE A 224 8.12 -1.44 -9.97
C PHE A 224 6.82 -1.79 -10.68
N LEU A 225 6.12 -0.79 -11.25
CA LEU A 225 4.81 -1.03 -11.90
C LEU A 225 4.82 -2.03 -13.04
N LYS A 226 5.88 -2.02 -13.88
CA LYS A 226 6.06 -2.96 -14.99
C LYS A 226 6.31 -4.35 -14.44
N TRP A 227 7.20 -4.45 -13.45
CA TRP A 227 7.55 -5.71 -12.77
C TRP A 227 6.28 -6.29 -12.09
N ILE A 228 5.42 -5.41 -11.48
CA ILE A 228 4.15 -5.79 -10.84
C ILE A 228 3.19 -6.29 -11.94
N ASP A 229 3.05 -5.51 -13.03
CA ASP A 229 2.18 -5.86 -14.16
C ASP A 229 2.56 -7.22 -14.70
N ARG A 230 3.87 -7.42 -14.98
CA ARG A 230 4.44 -8.68 -15.44
C ARG A 230 4.11 -9.84 -14.50
N SER A 231 4.34 -9.67 -13.17
CA SER A 231 4.07 -10.68 -12.12
C SER A 231 2.63 -11.19 -12.13
N MET A 232 1.68 -10.30 -12.48
CA MET A 232 0.24 -10.58 -12.51
C MET A 232 -0.18 -11.35 -13.76
N LYS A 233 0.69 -11.41 -14.76
CA LYS A 233 0.45 -12.19 -15.99
C LYS A 233 0.98 -13.62 -15.78
N THR A 234 1.92 -13.78 -14.81
CA THR A 234 2.57 -15.04 -14.45
C THR A 234 2.27 -15.46 -12.97
N LYS B 1 -1.13 24.99 -18.92
CA LYS B 1 -1.24 24.29 -17.63
C LYS B 1 -1.68 22.83 -17.78
N LEU B 2 -2.75 22.56 -18.55
CA LEU B 2 -3.28 21.23 -18.86
C LEU B 2 -3.40 20.29 -17.62
N CYS B 3 -2.57 19.21 -17.54
CA CYS B 3 -2.57 18.28 -16.40
C CYS B 3 -2.12 18.93 -15.09
N SER B 4 -1.42 20.08 -15.14
CA SER B 4 -0.96 20.79 -13.93
C SER B 4 -2.07 21.64 -13.34
N LEU B 5 -3.10 21.90 -14.15
CA LEU B 5 -4.24 22.68 -13.70
C LEU B 5 -5.32 21.67 -13.29
N ASP B 6 -5.43 21.46 -11.96
CA ASP B 6 -6.39 20.57 -11.31
C ASP B 6 -6.50 19.21 -12.00
N ASN B 7 -5.33 18.58 -12.27
CA ASN B 7 -5.24 17.27 -12.92
C ASN B 7 -6.00 17.21 -14.26
N GLY B 8 -6.12 18.35 -14.93
CA GLY B 8 -6.80 18.46 -16.25
C GLY B 8 -8.28 18.14 -16.16
N ASP B 9 -8.82 18.25 -14.92
CA ASP B 9 -10.22 17.93 -14.57
C ASP B 9 -10.49 16.43 -14.73
N CYS B 10 -9.43 15.61 -14.75
CA CYS B 10 -9.60 14.17 -14.86
C CYS B 10 -9.96 13.63 -13.48
N ASP B 11 -10.68 12.52 -13.44
CA ASP B 11 -10.93 11.86 -12.17
C ASP B 11 -9.65 11.17 -11.71
N GLN B 12 -8.93 10.54 -12.66
CA GLN B 12 -7.77 9.76 -12.35
C GLN B 12 -6.56 10.20 -13.16
N PHE B 13 -6.06 9.34 -14.05
CA PHE B 13 -4.85 9.60 -14.81
C PHE B 13 -5.02 10.71 -15.82
N CYS B 14 -4.09 11.65 -15.79
CA CYS B 14 -4.01 12.75 -16.74
C CYS B 14 -2.70 12.63 -17.53
N HIS B 15 -2.83 12.66 -18.87
CA HIS B 15 -1.74 12.63 -19.85
C HIS B 15 -1.87 13.83 -20.76
N GLU B 16 -0.75 14.24 -21.35
CA GLU B 16 -0.72 15.32 -22.32
C GLU B 16 -0.34 14.75 -23.69
N GLU B 17 -1.19 14.99 -24.67
CA GLU B 17 -0.99 14.58 -26.06
C GLU B 17 -1.31 15.80 -26.91
N GLN B 18 -0.37 16.21 -27.80
CA GLN B 18 -0.51 17.35 -28.73
C GLN B 18 -1.04 18.62 -28.03
N ASN B 19 -0.40 18.98 -26.88
CA ASN B 19 -0.75 20.13 -26.04
C ASN B 19 -2.26 20.13 -25.59
N SER B 20 -2.79 18.92 -25.34
CA SER B 20 -4.17 18.64 -24.90
C SER B 20 -4.22 17.56 -23.76
N VAL B 21 -5.22 17.70 -22.86
CA VAL B 21 -5.47 16.79 -21.75
C VAL B 21 -6.12 15.52 -22.28
N VAL B 22 -5.57 14.36 -21.89
CA VAL B 22 -6.14 13.04 -22.19
C VAL B 22 -6.28 12.33 -20.82
N CYS B 23 -7.54 12.00 -20.41
CA CYS B 23 -7.85 11.30 -19.16
C CYS B 23 -7.94 9.82 -19.39
N SER B 24 -7.54 9.04 -18.37
CA SER B 24 -7.68 7.60 -18.38
C SER B 24 -7.99 7.10 -16.96
N CYS B 25 -8.41 5.86 -16.85
CA CYS B 25 -8.84 5.26 -15.59
C CYS B 25 -8.08 3.96 -15.30
N ALA B 26 -8.07 3.53 -14.02
CA ALA B 26 -7.44 2.27 -13.65
C ALA B 26 -8.37 1.17 -14.09
N ARG B 27 -7.89 -0.07 -14.06
CA ARG B 27 -8.68 -1.25 -14.42
C ARG B 27 -9.83 -1.40 -13.47
N GLY B 28 -10.98 -1.72 -14.03
CA GLY B 28 -12.25 -1.86 -13.33
C GLY B 28 -13.10 -0.61 -13.44
N TYR B 29 -12.60 0.40 -14.18
CA TYR B 29 -13.30 1.67 -14.43
C TYR B 29 -13.32 1.90 -15.91
N THR B 30 -14.38 2.54 -16.40
CA THR B 30 -14.48 2.92 -17.81
C THR B 30 -14.54 4.44 -17.86
N LEU B 31 -13.83 5.05 -18.81
CA LEU B 31 -13.87 6.47 -18.94
C LEU B 31 -15.30 6.91 -19.36
N ALA B 32 -15.81 7.96 -18.73
CA ALA B 32 -17.15 8.44 -18.99
C ALA B 32 -17.22 9.16 -20.34
N ASP B 33 -18.45 9.44 -20.82
CA ASP B 33 -18.70 10.12 -22.11
C ASP B 33 -18.04 11.48 -22.19
N ASN B 34 -17.97 12.22 -21.07
CA ASN B 34 -17.30 13.53 -20.96
C ASN B 34 -15.77 13.38 -21.06
N GLY B 35 -15.29 12.13 -21.15
CA GLY B 35 -13.88 11.82 -21.26
C GLY B 35 -13.05 12.29 -20.08
N LYS B 36 -13.69 12.46 -18.91
CA LYS B 36 -13.01 12.95 -17.71
C LYS B 36 -13.24 12.03 -16.50
N ALA B 37 -14.52 11.69 -16.20
CA ALA B 37 -14.89 10.84 -15.06
C ALA B 37 -14.59 9.39 -15.31
N CYS B 38 -14.45 8.63 -14.23
CA CYS B 38 -14.12 7.20 -14.28
C CYS B 38 -15.27 6.47 -13.62
N ILE B 39 -15.96 5.59 -14.36
CA ILE B 39 -17.14 4.84 -13.90
C ILE B 39 -16.78 3.41 -13.55
N PRO B 40 -17.12 2.93 -12.32
CA PRO B 40 -16.86 1.52 -12.00
C PRO B 40 -17.66 0.55 -12.88
N THR B 41 -16.99 -0.48 -13.43
CA THR B 41 -17.60 -1.50 -14.31
C THR B 41 -18.43 -2.52 -13.55
N GLY B 42 -18.11 -2.73 -12.28
CA GLY B 42 -18.82 -3.68 -11.45
C GLY B 42 -18.73 -3.33 -9.98
N PRO B 43 -19.18 -4.24 -9.07
CA PRO B 43 -19.06 -3.93 -7.64
C PRO B 43 -17.61 -4.06 -7.20
N TYR B 44 -17.30 -3.42 -6.05
CA TYR B 44 -15.98 -3.35 -5.42
C TYR B 44 -14.84 -2.86 -6.36
N PRO B 45 -15.01 -1.68 -7.04
CA PRO B 45 -13.90 -1.16 -7.88
C PRO B 45 -12.70 -0.84 -7.00
N CYS B 46 -11.50 -0.84 -7.57
CA CYS B 46 -10.31 -0.59 -6.78
C CYS B 46 -10.32 0.80 -6.16
N GLY B 47 -9.70 0.90 -4.98
CA GLY B 47 -9.50 2.19 -4.33
C GLY B 47 -10.70 2.82 -3.69
N LYS B 48 -11.84 2.10 -3.63
CA LYS B 48 -13.03 2.66 -2.99
C LYS B 48 -13.21 2.08 -1.62
N GLN B 49 -13.37 2.95 -0.61
CA GLN B 49 -13.66 2.44 0.76
C GLN B 49 -15.06 1.79 0.72
N THR B 50 -15.29 0.78 1.55
CA THR B 50 -16.58 0.08 1.55
C THR B 50 -17.40 0.57 2.75
N LEU B 51 -17.69 1.86 2.81
CA LEU B 51 -18.39 2.48 3.95
C LEU B 51 -19.90 2.26 3.99
N GLU B 52 -20.48 1.86 2.85
CA GLU B 52 -21.91 1.62 2.74
C GLU B 52 -22.26 0.15 2.98
C1 LGK C . 18.82 -0.44 4.85
C2 LGK C . 20.07 -1.07 4.78
C3 LGK C . 9.04 -1.49 9.63
C4 LGK C . 18.00 -0.65 5.96
C5 LGK C . 16.60 -2.75 8.18
C6 LGK C . 17.49 -0.70 9.17
C7 LGK C . 8.76 -0.11 9.66
C8 LGK C . 9.90 -2.09 10.58
C9 LGK C . 15.72 -2.90 9.27
C10 LGK C . 16.62 -0.86 10.25
C11 LGK C . 20.47 -1.91 5.83
C12 LGK C . 10.17 0.07 11.62
C13 LGK C . 17.49 -1.65 8.14
C14 LGK C . 18.40 -1.48 7.01
C15 LGK C . 9.32 0.67 10.69
C16 LGK C . 13.14 -2.22 13.69
C17 LGK C . 10.45 -1.29 11.58
C18 LGK C . 15.75 -1.96 10.30
C19 LGK C . 19.65 -2.13 6.95
C20 LGK C . 12.68 -1.89 12.44
C21 LGK C . 11.99 -2.19 14.50
C22 LGK C . 9.04 2.09 10.79
C23 LGK C . 13.49 -1.80 11.25
C24 LGK C . 9.08 4.12 11.62
C25 LGK C . 14.57 -2.52 13.93
C26 LGK C . 15.44 -1.87 12.82
C27 LGK C . 19.36 -4.72 8.10
C28 LGK C . 11.88 -2.42 15.94
N29 LGK C . 10.89 -1.86 13.82
N30 LGK C . 8.27 2.75 9.98
N31 LGK C . 11.33 -1.73 12.56
N32 LGK C . 9.55 2.84 11.82
N33 LGK C . 8.30 4.03 10.47
N34 LGK C . 14.86 -2.06 11.44
O35 LGK C . 13.02 -1.52 10.17
O36 LGK C . 9.29 5.14 12.28
O37 LGK C . 21.66 -3.51 7.86
O38 LGK C . 20.01 -2.61 9.53
F39 LGK C . 12.52 -3.56 16.38
F40 LGK C . 12.37 -1.39 16.70
F41 LGK C . 10.58 -2.51 16.38
S42 LGK C . 20.27 -3.20 8.22
NA NA D . 9.64 10.40 13.12
NA NA E . -10.77 -11.01 12.67
#